data_5YJ3
#
_entry.id   5YJ3
#
_cell.length_a   56.713
_cell.length_b   56.713
_cell.length_c   226.229
_cell.angle_alpha   90.000
_cell.angle_beta   90.000
_cell.angle_gamma   90.000
#
_symmetry.space_group_name_H-M   'P 43 21 2'
#
loop_
_entity.id
_entity.type
_entity.pdbx_description
1 polymer "DNA (5'-D(*CP*CP*TP*AP*AP*CP*CP*CP*TP*AP*AP*CP*CP*CP*TP*AP*AP*C)-3')"
2 polymer "DNA (5'-D(*GP*GP*TP*TP*AP*GP*GP*GP*TP*TP*AP*GP*GP*GP*TP*TP*AP*G)-3')"
3 polymer 'Telomere zinc finger-associated protein'
4 non-polymer 'ZINC ION'
#
loop_
_entity_poly.entity_id
_entity_poly.type
_entity_poly.pdbx_seq_one_letter_code
_entity_poly.pdbx_strand_id
1 'polydeoxyribonucleotide' (DC)(DC)(DT)(DA)(DA)(DC)(DC)(DC)(DT)(DA)(DA)(DC)(DC)(DC)(DT)(DA)(DA)(DC) A
2 'polydeoxyribonucleotide' (DG)(DG)(DT)(DT)(DA)(DG)(DG)(DG)(DT)(DT)(DA)(DG)(DG)(DG)(DT)(DT)(DA)(DG) B
3 'polypeptide(L)'
;HMTGERPFSCEFCEQRFTEKGPLLRHVASRHQEGRPHFCQICGKTFKAVEQLRVHVRRHKGVRKFECTECGYKFTRQAHL
RRHMEIHDRVENYNPRQRKLRNLIIED
;
C,D
#
loop_
_chem_comp.id
_chem_comp.type
_chem_comp.name
_chem_comp.formula
DA DNA linking 2'-DEOXYADENOSINE-5'-MONOPHOSPHATE 'C10 H14 N5 O6 P'
DC DNA linking 2'-DEOXYCYTIDINE-5'-MONOPHOSPHATE 'C9 H14 N3 O7 P'
DG DNA linking 2'-DEOXYGUANOSINE-5'-MONOPHOSPHATE 'C10 H14 N5 O7 P'
DT DNA linking THYMIDINE-5'-MONOPHOSPHATE 'C10 H15 N2 O8 P'
ZN non-polymer 'ZINC ION' 'Zn 2'
#
# COMPACT_ATOMS: atom_id res chain seq x y z
N PRO C 36 -28.12 -15.36 13.01
CA PRO C 36 -27.26 -16.52 12.75
C PRO C 36 -25.77 -16.20 12.85
N HIS C 37 -24.92 -17.08 12.32
CA HIS C 37 -23.47 -16.88 12.40
C HIS C 37 -23.07 -15.64 11.62
N PHE C 38 -22.45 -14.68 12.33
CA PHE C 38 -22.01 -13.43 11.74
C PHE C 38 -20.50 -13.42 11.59
N CYS C 39 -20.01 -12.88 10.47
CA CYS C 39 -18.58 -12.75 10.22
C CYS C 39 -18.06 -11.46 10.86
N GLN C 40 -16.76 -11.22 10.70
CA GLN C 40 -16.08 -10.10 11.35
C GLN C 40 -15.40 -9.17 10.36
N ILE C 41 -14.67 -9.72 9.38
CA ILE C 41 -13.83 -8.88 8.52
C ILE C 41 -14.67 -7.97 7.64
N CYS C 42 -15.79 -8.47 7.12
CA CYS C 42 -16.68 -7.68 6.30
C CYS C 42 -18.10 -7.62 6.83
N GLY C 43 -18.59 -8.70 7.44
CA GLY C 43 -19.91 -8.70 8.04
C GLY C 43 -21.02 -9.21 7.14
N LYS C 44 -21.18 -10.53 7.07
CA LYS C 44 -22.23 -11.15 6.29
C LYS C 44 -22.96 -12.17 7.16
N THR C 45 -24.28 -12.25 7.00
CA THR C 45 -25.10 -13.19 7.74
C THR C 45 -25.02 -14.55 7.06
N PHE C 46 -24.44 -15.54 7.76
CA PHE C 46 -24.23 -16.86 7.21
C PHE C 46 -25.14 -17.88 7.86
N LYS C 47 -25.28 -19.02 7.18
CA LYS C 47 -26.17 -20.10 7.61
C LYS C 47 -25.49 -21.02 8.62
N ALA C 48 -24.62 -21.90 8.14
CA ALA C 48 -23.98 -22.90 8.98
C ALA C 48 -22.58 -22.46 9.39
N VAL C 49 -22.03 -23.14 10.39
CA VAL C 49 -20.70 -22.82 10.87
C VAL C 49 -19.62 -23.31 9.91
N GLU C 50 -19.91 -24.32 9.11
CA GLU C 50 -18.94 -24.82 8.14
C GLU C 50 -18.95 -24.03 6.83
N GLN C 51 -20.07 -23.36 6.52
CA GLN C 51 -20.11 -22.45 5.37
C GLN C 51 -19.33 -21.17 5.64
N LEU C 52 -19.01 -20.88 6.89
CA LEU C 52 -18.28 -19.67 7.26
C LEU C 52 -16.77 -19.88 7.27
N ARG C 53 -16.30 -21.08 7.64
CA ARG C 53 -14.88 -21.35 7.62
C ARG C 53 -14.32 -21.32 6.21
N VAL C 54 -15.05 -21.91 5.25
CA VAL C 54 -14.62 -21.88 3.85
C VAL C 54 -14.72 -20.47 3.27
N HIS C 55 -15.49 -19.59 3.91
CA HIS C 55 -15.63 -18.21 3.45
C HIS C 55 -14.51 -17.33 3.97
N VAL C 56 -14.42 -17.17 5.29
CA VAL C 56 -13.39 -16.31 5.87
C VAL C 56 -12.02 -16.97 5.87
N ARG C 57 -11.92 -18.22 5.41
CA ARG C 57 -10.62 -18.84 5.22
C ARG C 57 -9.94 -18.30 3.96
N ARG C 58 -10.70 -18.15 2.88
CA ARG C 58 -10.17 -17.49 1.69
C ARG C 58 -10.05 -15.99 1.87
N HIS C 59 -10.55 -15.46 2.99
CA HIS C 59 -10.39 -14.04 3.29
C HIS C 59 -8.94 -13.70 3.60
N LYS C 60 -8.16 -14.67 4.07
CA LYS C 60 -6.75 -14.50 4.36
C LYS C 60 -5.91 -15.28 3.37
N GLY C 61 -4.95 -14.61 2.76
CA GLY C 61 -4.03 -15.30 1.86
C GLY C 61 -3.11 -16.21 2.65
N VAL C 62 -2.93 -17.43 2.16
CA VAL C 62 -2.11 -18.42 2.85
C VAL C 62 -0.67 -18.24 2.40
N ARG C 63 0.26 -18.35 3.36
CA ARG C 63 1.69 -18.29 3.05
C ARG C 63 2.13 -19.67 2.56
N LYS C 64 2.21 -19.84 1.23
CA LYS C 64 2.47 -21.13 0.64
C LYS C 64 3.76 -21.20 -0.17
N PHE C 65 4.56 -20.14 -0.20
CA PHE C 65 5.78 -20.11 -1.01
C PHE C 65 6.95 -19.68 -0.13
N GLU C 66 7.90 -20.59 0.08
CA GLU C 66 9.01 -20.37 1.01
C GLU C 66 10.29 -20.09 0.25
N CYS C 67 11.02 -19.07 0.68
CA CYS C 67 12.36 -18.83 0.19
C CYS C 67 13.31 -19.89 0.73
N THR C 68 14.02 -20.58 -0.17
CA THR C 68 14.99 -21.56 0.28
C THR C 68 16.21 -20.91 0.92
N GLU C 69 16.49 -19.64 0.62
CA GLU C 69 17.70 -19.01 1.15
C GLU C 69 17.52 -18.53 2.59
N CYS C 70 16.39 -17.87 2.89
CA CYS C 70 16.18 -17.28 4.20
C CYS C 70 14.90 -17.76 4.88
N GLY C 71 14.16 -18.68 4.27
CA GLY C 71 13.01 -19.28 4.94
C GLY C 71 11.78 -18.40 5.04
N TYR C 72 11.77 -17.26 4.38
CA TYR C 72 10.59 -16.41 4.38
C TYR C 72 9.50 -17.05 3.53
N LYS C 73 8.28 -17.07 4.05
CA LYS C 73 7.15 -17.69 3.37
C LYS C 73 6.25 -16.59 2.80
N PHE C 74 5.94 -16.69 1.51
CA PHE C 74 5.19 -15.66 0.80
C PHE C 74 3.80 -16.16 0.42
N THR C 75 2.93 -15.21 0.14
CA THR C 75 1.54 -15.46 -0.25
C THR C 75 1.37 -15.60 -1.76
N ARG C 76 2.38 -15.27 -2.55
CA ARG C 76 2.33 -15.34 -4.00
C ARG C 76 3.68 -15.78 -4.53
N GLN C 77 3.67 -16.48 -5.66
CA GLN C 77 4.92 -16.87 -6.30
C GLN C 77 5.68 -15.63 -6.77
N ALA C 78 4.97 -14.65 -7.32
CA ALA C 78 5.62 -13.43 -7.79
C ALA C 78 6.36 -12.74 -6.65
N HIS C 79 5.78 -12.73 -5.46
CA HIS C 79 6.46 -12.13 -4.31
C HIS C 79 7.76 -12.85 -4.00
N LEU C 80 7.79 -14.18 -4.19
CA LEU C 80 9.00 -14.93 -3.90
C LEU C 80 10.06 -14.69 -4.97
N ARG C 81 9.67 -14.60 -6.24
CA ARG C 81 10.62 -14.28 -7.29
C ARG C 81 11.23 -12.89 -7.06
N ARG C 82 10.36 -11.89 -6.92
CA ARG C 82 10.78 -10.54 -6.58
C ARG C 82 11.70 -10.53 -5.37
N HIS C 83 11.36 -11.33 -4.36
CA HIS C 83 12.22 -11.45 -3.19
C HIS C 83 13.59 -11.99 -3.55
N MET C 84 13.63 -13.07 -4.33
CA MET C 84 14.90 -13.66 -4.72
C MET C 84 15.78 -12.63 -5.43
N GLU C 85 15.18 -11.68 -6.15
CA GLU C 85 16.01 -10.67 -6.78
C GLU C 85 16.73 -9.77 -5.78
N ILE C 86 16.53 -9.95 -4.47
CA ILE C 86 17.25 -9.19 -3.45
C ILE C 86 18.50 -9.93 -3.00
N HIS C 87 18.35 -11.22 -2.65
CA HIS C 87 19.51 -12.06 -2.38
C HIS C 87 20.52 -12.02 -3.51
N ASP C 88 20.06 -11.65 -4.72
CA ASP C 88 20.95 -11.47 -5.85
C ASP C 88 21.97 -10.37 -5.60
N ARG C 89 21.73 -9.47 -4.62
CA ARG C 89 22.64 -8.35 -4.42
C ARG C 89 22.83 -7.96 -2.96
N VAL C 90 22.45 -8.81 -2.02
CA VAL C 90 22.61 -8.52 -0.59
C VAL C 90 23.10 -9.77 0.12
N GLU C 91 24.14 -9.62 0.94
CA GLU C 91 24.65 -10.72 1.74
C GLU C 91 23.84 -10.86 3.02
N ASN C 92 23.56 -12.11 3.40
CA ASN C 92 22.91 -12.44 4.68
C ASN C 92 21.56 -11.74 4.83
N TYR C 93 20.85 -11.54 3.72
CA TYR C 93 19.55 -10.89 3.78
C TYR C 93 18.55 -11.82 4.47
N ASN C 94 17.88 -11.30 5.50
CA ASN C 94 16.90 -12.08 6.26
C ASN C 94 15.86 -11.13 6.81
N PRO C 95 14.86 -10.76 6.00
CA PRO C 95 13.93 -9.70 6.40
C PRO C 95 12.92 -10.18 7.42
N ARG C 96 12.37 -9.20 8.15
CA ARG C 96 11.34 -9.45 9.14
C ARG C 96 10.04 -9.88 8.47
N GLN C 97 9.26 -10.68 9.19
CA GLN C 97 7.98 -11.13 8.67
C GLN C 97 6.94 -10.04 8.88
N ARG C 98 6.41 -9.51 7.78
CA ARG C 98 5.47 -8.40 7.87
C ARG C 98 4.07 -8.89 8.17
N LYS C 99 3.25 -7.98 8.70
CA LYS C 99 1.85 -8.30 8.96
C LYS C 99 1.12 -8.57 7.66
N LEU C 100 0.18 -9.50 7.70
CA LEU C 100 -0.65 -9.80 6.54
C LEU C 100 -1.71 -8.72 6.35
N ARG C 101 -2.14 -8.56 5.11
CA ARG C 101 -3.15 -7.59 4.75
C ARG C 101 -4.39 -8.33 4.26
N ASN C 102 -5.57 -7.87 4.70
CA ASN C 102 -6.81 -8.59 4.46
C ASN C 102 -7.21 -8.53 2.99
N LEU C 103 -7.64 -9.67 2.45
CA LEU C 103 -8.12 -9.75 1.08
C LEU C 103 -9.55 -9.22 0.99
N ILE C 104 -10.12 -9.27 -0.21
CA ILE C 104 -11.47 -8.80 -0.45
C ILE C 104 -12.24 -9.86 -1.20
N ILE C 105 -13.54 -9.96 -0.91
CA ILE C 105 -14.41 -10.94 -1.55
C ILE C 105 -15.86 -10.46 -1.49
N PRO D 36 -4.83 13.02 -30.24
CA PRO D 36 -4.18 13.97 -29.34
C PRO D 36 -4.89 14.05 -27.98
N HIS D 37 -4.12 14.22 -26.91
CA HIS D 37 -4.68 14.31 -25.56
C HIS D 37 -3.65 14.95 -24.64
N PHE D 38 -4.06 16.00 -23.93
CA PHE D 38 -3.18 16.73 -23.05
C PHE D 38 -3.05 16.05 -21.70
N CYS D 39 -2.16 16.58 -20.86
CA CYS D 39 -1.83 15.99 -19.57
C CYS D 39 -2.81 16.50 -18.51
N GLN D 40 -2.43 16.38 -17.23
CA GLN D 40 -3.27 16.84 -16.13
C GLN D 40 -2.45 17.52 -15.04
N ILE D 41 -1.56 16.76 -14.39
CA ILE D 41 -0.81 17.27 -13.24
C ILE D 41 0.03 18.48 -13.65
N CYS D 42 0.95 18.28 -14.58
CA CYS D 42 1.66 19.43 -15.14
C CYS D 42 0.84 20.09 -16.23
N GLY D 43 0.38 19.31 -17.20
CA GLY D 43 -0.44 19.83 -18.28
C GLY D 43 0.26 19.93 -19.62
N LYS D 44 1.32 19.15 -19.84
CA LYS D 44 2.06 19.22 -21.09
C LYS D 44 1.27 18.58 -22.23
N THR D 45 1.53 19.07 -23.44
CA THR D 45 0.90 18.49 -24.62
C THR D 45 1.54 17.14 -24.94
N PHE D 46 0.70 16.13 -25.17
CA PHE D 46 1.18 14.79 -25.45
C PHE D 46 0.42 14.19 -26.63
N LYS D 47 1.14 13.41 -27.43
CA LYS D 47 0.56 12.76 -28.60
C LYS D 47 -0.06 11.42 -28.25
N ALA D 48 0.74 10.37 -28.20
CA ALA D 48 0.25 9.06 -27.84
C ALA D 48 -0.09 8.99 -26.36
N VAL D 49 -1.04 8.12 -26.02
CA VAL D 49 -1.52 8.04 -24.64
C VAL D 49 -0.53 7.29 -23.76
N GLU D 50 0.17 6.29 -24.31
CA GLU D 50 1.13 5.52 -23.51
C GLU D 50 2.26 6.41 -23.02
N GLN D 51 2.74 7.34 -23.86
CA GLN D 51 3.73 8.30 -23.43
C GLN D 51 3.24 9.13 -22.26
N LEU D 52 1.99 9.59 -22.31
CA LEU D 52 1.44 10.35 -21.20
C LEU D 52 1.32 9.50 -19.94
N ARG D 53 1.05 8.20 -20.08
CA ARG D 53 0.99 7.32 -18.93
C ARG D 53 2.36 7.19 -18.26
N VAL D 54 3.36 6.79 -19.03
CA VAL D 54 4.70 6.64 -18.46
C VAL D 54 5.28 7.97 -18.00
N HIS D 55 4.75 9.09 -18.51
CA HIS D 55 5.13 10.39 -17.96
C HIS D 55 4.45 10.64 -16.63
N VAL D 56 3.20 10.20 -16.48
CA VAL D 56 2.53 10.32 -15.19
C VAL D 56 3.21 9.44 -14.14
N ARG D 57 3.83 8.34 -14.57
CA ARG D 57 4.50 7.46 -13.61
C ARG D 57 5.62 8.19 -12.87
N ARG D 58 6.35 9.07 -13.55
CA ARG D 58 7.52 9.76 -12.98
C ARG D 58 7.18 11.23 -12.80
N HIS D 59 6.88 11.63 -11.56
CA HIS D 59 6.57 13.03 -11.29
C HIS D 59 7.00 13.50 -9.91
N LYS D 60 7.84 12.74 -9.20
CA LYS D 60 8.40 13.15 -7.91
C LYS D 60 7.32 13.38 -6.86
N GLY D 61 7.10 14.64 -6.48
CA GLY D 61 6.22 14.95 -5.38
C GLY D 61 4.84 15.45 -5.77
N VAL D 62 3.89 14.52 -5.89
CA VAL D 62 2.49 14.85 -6.15
C VAL D 62 1.78 14.84 -4.81
N ARG D 63 1.50 16.03 -4.28
CA ARG D 63 0.85 16.18 -2.98
C ARG D 63 -0.65 16.14 -3.18
N LYS D 64 -1.25 14.95 -3.02
CA LYS D 64 -2.69 14.77 -3.17
C LYS D 64 -3.33 14.25 -1.89
N PHE D 65 -2.72 14.53 -0.73
CA PHE D 65 -3.22 14.07 0.56
C PHE D 65 -3.13 15.24 1.54
N GLU D 66 -4.22 15.99 1.65
CA GLU D 66 -4.25 17.26 2.37
C GLU D 66 -4.72 17.07 3.80
N CYS D 67 -4.10 17.81 4.72
CA CYS D 67 -4.51 17.79 6.13
C CYS D 67 -5.60 18.83 6.34
N THR D 68 -6.81 18.37 6.65
CA THR D 68 -7.89 19.30 6.90
C THR D 68 -7.65 20.16 8.15
N GLU D 69 -6.75 19.73 9.03
CA GLU D 69 -6.55 20.44 10.29
C GLU D 69 -5.68 21.68 10.11
N CYS D 70 -4.59 21.57 9.35
CA CYS D 70 -3.67 22.67 9.17
C CYS D 70 -3.39 23.04 7.71
N GLY D 71 -3.63 22.14 6.77
CA GLY D 71 -3.50 22.44 5.37
C GLY D 71 -2.29 21.84 4.69
N TYR D 72 -1.42 21.14 5.42
CA TYR D 72 -0.23 20.56 4.81
C TYR D 72 -0.62 19.48 3.81
N LYS D 73 -0.09 19.58 2.59
CA LYS D 73 -0.40 18.64 1.52
C LYS D 73 0.73 17.62 1.43
N PHE D 74 0.44 16.38 1.80
CA PHE D 74 1.46 15.33 1.83
C PHE D 74 1.49 14.54 0.54
N THR D 75 2.69 14.04 0.22
CA THR D 75 2.89 13.28 -1.01
C THR D 75 2.39 11.84 -0.88
N ARG D 76 2.28 11.31 0.34
CA ARG D 76 1.74 9.98 0.58
C ARG D 76 0.71 10.03 1.68
N GLN D 77 -0.20 9.06 1.66
CA GLN D 77 -1.17 8.93 2.74
C GLN D 77 -0.48 8.61 4.06
N ALA D 78 0.54 7.77 4.02
CA ALA D 78 1.22 7.35 5.25
C ALA D 78 1.83 8.54 5.97
N HIS D 79 2.36 9.50 5.22
CA HIS D 79 2.90 10.72 5.82
C HIS D 79 1.80 11.52 6.51
N LEU D 80 0.58 11.49 5.97
CA LEU D 80 -0.52 12.18 6.63
C LEU D 80 -0.93 11.46 7.91
N ARG D 81 -1.00 10.12 7.86
CA ARG D 81 -1.23 9.37 9.08
C ARG D 81 -0.18 9.69 10.14
N ARG D 82 1.08 9.85 9.71
CA ARG D 82 2.14 10.21 10.66
C ARG D 82 1.98 11.64 11.15
N HIS D 83 1.40 12.50 10.32
CA HIS D 83 1.20 13.90 10.70
C HIS D 83 0.11 14.05 11.75
N MET D 84 -0.99 13.29 11.59
CA MET D 84 -2.12 13.44 12.50
C MET D 84 -1.71 13.17 13.94
N GLU D 85 -0.79 12.21 14.15
CA GLU D 85 -0.32 11.93 15.50
C GLU D 85 0.31 13.16 16.13
N ILE D 86 1.08 13.92 15.35
CA ILE D 86 1.59 15.20 15.82
C ILE D 86 0.45 16.16 16.10
N HIS D 87 -0.57 16.16 15.23
CA HIS D 87 -1.73 17.01 15.49
C HIS D 87 -2.47 16.63 16.76
N ASP D 88 -2.23 15.44 17.31
CA ASP D 88 -2.80 15.07 18.60
C ASP D 88 -1.86 15.29 19.77
N ARG D 89 -0.54 15.28 19.53
CA ARG D 89 0.41 15.51 20.61
C ARG D 89 0.28 16.91 21.19
N VAL D 90 0.12 17.92 20.32
CA VAL D 90 0.00 19.31 20.73
C VAL D 90 -1.19 19.92 20.02
N GLU D 91 -1.52 21.17 20.38
CA GLU D 91 -2.70 21.83 19.86
C GLU D 91 -2.37 22.74 18.67
N ASN D 92 -1.87 23.93 18.95
CA ASN D 92 -1.60 24.93 17.91
C ASN D 92 -0.40 24.48 17.08
N TYR D 93 -0.68 23.85 15.93
CA TYR D 93 0.36 23.30 15.07
C TYR D 93 0.00 23.58 13.62
N ASN D 94 0.75 24.47 12.97
CA ASN D 94 0.56 24.79 11.56
C ASN D 94 1.94 24.86 10.90
N PRO D 95 2.46 23.75 10.42
CA PRO D 95 3.78 23.75 9.79
C PRO D 95 3.73 24.31 8.37
N ARG D 96 4.92 24.53 7.82
CA ARG D 96 5.07 25.15 6.51
C ARG D 96 5.45 24.10 5.46
N GLN D 97 4.82 24.19 4.29
CA GLN D 97 5.06 23.30 3.17
C GLN D 97 6.54 23.30 2.80
N ARG D 98 7.21 22.17 3.02
CA ARG D 98 8.64 22.09 2.76
C ARG D 98 8.92 21.97 1.27
N LYS D 99 10.14 22.30 0.89
CA LYS D 99 10.64 21.99 -0.45
C LYS D 99 11.12 20.55 -0.47
N LEU D 100 10.73 19.80 -1.49
CA LEU D 100 11.05 18.39 -1.56
C LEU D 100 12.45 18.20 -2.13
N ARG D 101 12.79 16.96 -2.46
CA ARG D 101 14.14 16.62 -2.89
C ARG D 101 14.19 16.27 -4.39
ZN ZN E . 14.92 -15.13 1.09
ZN ZN F . -16.05 -12.08 5.25
ZN ZN G . -1.96 19.14 9.85
ZN ZN H . 2.76 15.91 -15.72
#